data_2V8Y
#
_entry.id   2V8Y
#
_cell.length_a   38.438
_cell.length_b   100.731
_cell.length_c   135.334
_cell.angle_alpha   90.00
_cell.angle_beta   90.00
_cell.angle_gamma   90.00
#
_symmetry.space_group_name_H-M   'P 21 21 21'
#
loop_
_entity.id
_entity.type
_entity.pdbx_description
1 polymer 'EUKARYOTIC TRANSLATION INITIATION FACTOR 4E'
2 polymer 'EUKARYOTIC TRANSLATION INITIATION FACTOR 4E-BINDING PROTEIN 1'
3 non-polymer 'P-FLUORO-7-BENZYL GUANINE MONOPHOSPHATE'
4 water water
#
loop_
_entity_poly.entity_id
_entity_poly.type
_entity_poly.pdbx_seq_one_letter_code
_entity_poly.pdbx_strand_id
1 'polypeptide(L)'
;MATVEPETTPTPNPPTTEEEKTESNQEVANPEHYIKHPLQNRWALWFFKNDKSKTWQANLRLISKFDTVEDFWALYNHIQ
LSSNLMPGCDYSLFKDGIEPMWEDEKNKRGGRWLITLNKQQRRSDLDRFWLETLLCLIGESFDDYSDDVCGAVVNVRAKG
DKIAIWTTECENREAVTHIGRVYKERLGLPPKIVIGYQSHADTATKSGSTTKNRFVV
;
A,E
2 'polypeptide(L)' RIIYDRKFLMECRN B,F
#
loop_
_chem_comp.id
_chem_comp.type
_chem_comp.name
_chem_comp.formula
MGV RNA linking 'P-FLUORO-7-BENZYL GUANINE MONOPHOSPHATE' 'C17 H20 F N5 O8 P 1'
#
# COMPACT_ATOMS: atom_id res chain seq x y z
N GLU A 32 14.78 -24.18 27.53
CA GLU A 32 13.56 -24.49 26.70
C GLU A 32 12.36 -25.12 27.49
N HIS A 33 12.67 -26.00 28.44
CA HIS A 33 11.69 -26.42 29.41
C HIS A 33 11.40 -25.35 30.49
N TYR A 34 12.27 -24.35 30.64
CA TYR A 34 12.23 -23.47 31.82
C TYR A 34 12.52 -21.99 31.47
N ILE A 35 12.90 -21.74 30.24
CA ILE A 35 13.33 -20.40 29.85
C ILE A 35 12.14 -19.65 29.22
N LYS A 36 11.96 -18.40 29.64
CA LYS A 36 10.89 -17.56 29.06
C LYS A 36 11.27 -17.20 27.64
N HIS A 37 10.26 -16.98 26.81
CA HIS A 37 10.46 -16.64 25.40
C HIS A 37 10.74 -15.15 25.31
N PRO A 38 12.00 -14.76 24.95
CA PRO A 38 12.33 -13.35 24.87
C PRO A 38 11.73 -12.61 23.65
N LEU A 39 11.48 -11.34 23.82
CA LEU A 39 11.05 -10.52 22.70
C LEU A 39 12.27 -9.79 22.14
N GLN A 40 12.20 -9.45 20.86
CA GLN A 40 13.17 -8.56 20.24
C GLN A 40 13.40 -7.28 21.05
N ASN A 41 12.30 -6.70 21.51
CA ASN A 41 12.37 -5.46 22.27
C ASN A 41 11.74 -5.60 23.64
N ARG A 42 12.23 -4.80 24.60
CA ARG A 42 11.51 -4.44 25.79
C ARG A 42 10.47 -3.32 25.48
N TRP A 43 9.28 -3.50 26.04
CA TRP A 43 8.13 -2.65 25.78
C TRP A 43 7.64 -2.09 27.10
N ALA A 44 7.05 -0.91 27.04
CA ALA A 44 6.47 -0.26 28.22
C ALA A 44 5.02 0.09 27.93
N LEU A 45 4.09 -0.33 28.81
CA LEU A 45 2.68 0.04 28.72
C LEU A 45 2.38 1.28 29.54
N TRP A 46 1.67 2.23 28.93
CA TRP A 46 1.37 3.50 29.57
C TRP A 46 -0.13 3.67 29.61
N PHE A 47 -0.57 4.43 30.60
CA PHE A 47 -1.97 4.78 30.72
C PHE A 47 -2.14 6.30 30.80
N PHE A 48 -3.12 6.81 30.07
CA PHE A 48 -3.52 8.23 30.11
C PHE A 48 -4.95 8.36 30.64
N LYS A 49 -5.13 9.19 31.64
CA LYS A 49 -6.47 9.59 32.06
C LYS A 49 -6.53 11.11 32.10
N ASN A 50 -7.51 11.71 31.42
CA ASN A 50 -7.55 13.15 31.36
C ASN A 50 -7.80 13.74 32.74
N ASP A 51 -7.03 14.76 33.09
CA ASP A 51 -7.25 15.57 34.28
C ASP A 51 -6.92 17.00 33.82
N LYS A 52 -7.95 17.82 33.65
CA LYS A 52 -7.82 19.19 33.12
C LYS A 52 -6.99 20.16 33.96
N SER A 53 -6.69 19.77 35.20
CA SER A 53 -5.82 20.53 36.09
C SER A 53 -4.33 20.29 35.90
N LYS A 54 -3.96 19.36 35.01
CA LYS A 54 -2.56 18.97 34.79
C LYS A 54 -2.14 19.15 33.33
N THR A 55 -0.83 19.22 33.09
CA THR A 55 -0.32 19.23 31.70
C THR A 55 -0.60 17.86 31.05
N TRP A 56 -0.75 17.84 29.73
CA TRP A 56 -1.01 16.59 29.01
C TRP A 56 0.00 15.50 29.47
N GLN A 57 1.29 15.84 29.45
CA GLN A 57 2.38 14.92 29.88
C GLN A 57 2.19 14.31 31.26
N ALA A 58 1.73 15.11 32.23
CA ALA A 58 1.60 14.62 33.62
C ALA A 58 0.46 13.60 33.81
N ASN A 59 -0.44 13.50 32.83
CA ASN A 59 -1.56 12.58 32.85
C ASN A 59 -1.17 11.26 32.27
N LEU A 60 0.06 11.21 31.75
CA LEU A 60 0.56 10.04 31.07
C LEU A 60 1.44 9.31 32.04
N ARG A 61 1.00 8.11 32.45
CA ARG A 61 1.71 7.35 33.48
C ARG A 61 2.12 5.92 33.09
N LEU A 62 3.35 5.53 33.46
CA LEU A 62 3.81 4.12 33.22
C LEU A 62 3.05 3.08 34.04
N ILE A 63 2.39 2.15 33.36
CA ILE A 63 1.97 0.94 34.04
C ILE A 63 3.20 0.06 34.35
N SER A 64 3.78 -0.58 33.35
CA SER A 64 4.96 -1.39 33.55
C SER A 64 5.55 -1.81 32.23
N LYS A 65 6.72 -2.47 32.32
CA LYS A 65 7.49 -2.97 31.21
C LYS A 65 7.70 -4.51 31.20
N PHE A 66 7.91 -5.06 30.00
CA PHE A 66 8.10 -6.51 29.83
C PHE A 66 9.00 -6.76 28.64
N ASP A 67 9.69 -7.90 28.62
CA ASP A 67 10.49 -8.26 27.44
C ASP A 67 10.45 -9.73 27.11
N THR A 68 9.36 -10.39 27.52
CA THR A 68 9.11 -11.78 27.14
C THR A 68 7.62 -11.92 26.80
N VAL A 69 7.30 -13.01 26.13
CA VAL A 69 5.92 -13.30 25.76
C VAL A 69 5.08 -13.54 27.02
N GLU A 70 5.59 -14.37 27.94
CA GLU A 70 4.89 -14.68 29.19
C GLU A 70 4.59 -13.44 30.02
N ASP A 71 5.57 -12.54 30.14
CA ASP A 71 5.38 -11.29 30.88
C ASP A 71 4.34 -10.38 30.21
N PHE A 72 4.27 -10.39 28.87
CA PHE A 72 3.24 -9.67 28.15
C PHE A 72 1.82 -10.16 28.50
N TRP A 73 1.64 -11.47 28.50
CA TRP A 73 0.33 -12.04 28.80
C TRP A 73 0.00 -11.84 30.26
N ALA A 74 1.02 -11.87 31.12
CA ALA A 74 0.80 -11.58 32.56
C ALA A 74 0.25 -10.15 32.77
N LEU A 75 0.66 -9.23 31.91
CA LEU A 75 0.19 -7.86 32.04
C LEU A 75 -1.18 -7.70 31.38
N TYR A 76 -1.29 -8.16 30.14
CA TYR A 76 -2.53 -8.03 29.39
C TYR A 76 -3.72 -8.63 30.11
N ASN A 77 -3.51 -9.81 30.73
CA ASN A 77 -4.59 -10.57 31.32
C ASN A 77 -5.20 -9.94 32.56
N HIS A 78 -4.46 -9.07 33.23
CA HIS A 78 -4.98 -8.44 34.43
C HIS A 78 -5.55 -7.04 34.28
N ILE A 79 -5.43 -6.43 33.09
CA ILE A 79 -5.88 -5.05 32.89
C ILE A 79 -7.17 -5.00 32.10
N GLN A 80 -7.97 -3.94 32.29
CA GLN A 80 -9.19 -3.69 31.52
C GLN A 80 -9.02 -3.75 30.01
N LEU A 81 -9.97 -4.44 29.35
CA LEU A 81 -10.20 -4.27 27.90
C LEU A 81 -10.45 -2.77 27.65
N SER A 82 -9.95 -2.30 26.51
CA SER A 82 -10.13 -0.92 26.06
C SER A 82 -11.61 -0.48 26.03
N SER A 83 -12.47 -1.38 25.53
CA SER A 83 -13.90 -1.20 25.47
C SER A 83 -14.49 -0.88 26.82
N ASN A 84 -13.77 -1.25 27.89
CA ASN A 84 -14.20 -0.98 29.24
C ASN A 84 -13.65 0.23 29.96
N LEU A 85 -12.70 0.95 29.35
CA LEU A 85 -12.16 2.15 29.98
C LEU A 85 -13.15 3.31 29.94
N MET A 86 -12.98 4.25 30.87
CA MET A 86 -13.72 5.51 30.83
C MET A 86 -13.37 6.29 29.56
N PRO A 87 -14.36 7.01 28.97
CA PRO A 87 -14.05 7.93 27.86
C PRO A 87 -12.96 8.93 28.26
N GLY A 88 -12.00 9.17 27.38
CA GLY A 88 -10.88 10.06 27.66
C GLY A 88 -9.60 9.35 28.08
N CYS A 89 -9.67 8.03 28.24
CA CYS A 89 -8.48 7.24 28.55
C CYS A 89 -7.74 6.71 27.32
N ASP A 90 -6.42 6.56 27.44
CA ASP A 90 -5.62 5.88 26.43
C ASP A 90 -4.82 4.70 27.04
N TYR A 91 -4.59 3.66 26.23
CA TYR A 91 -3.38 2.84 26.39
C TYR A 91 -2.33 3.17 25.32
N SER A 92 -1.05 3.11 25.70
CA SER A 92 0.07 3.22 24.77
C SER A 92 1.07 2.11 25.05
N LEU A 93 1.52 1.42 24.00
CA LEU A 93 2.61 0.47 24.17
C LEU A 93 3.74 0.95 23.30
N PHE A 94 4.87 1.33 23.94
CA PHE A 94 6.03 1.87 23.25
C PHE A 94 7.34 1.15 23.58
N LYS A 95 8.25 1.09 22.61
CA LYS A 95 9.54 0.50 22.89
C LYS A 95 10.17 1.27 24.03
N ASP A 96 10.73 0.54 24.98
CA ASP A 96 11.42 1.12 26.13
C ASP A 96 12.45 2.14 25.60
N GLY A 97 12.48 3.31 26.24
CA GLY A 97 13.33 4.45 25.78
C GLY A 97 12.61 5.45 24.85
N ILE A 98 11.48 5.02 24.29
CA ILE A 98 10.59 5.90 23.53
C ILE A 98 9.34 6.28 24.33
N GLU A 99 9.26 7.56 24.68
CA GLU A 99 8.06 8.09 25.29
C GLU A 99 6.91 8.27 24.32
N PRO A 100 5.68 7.90 24.74
CA PRO A 100 4.52 7.90 23.91
C PRO A 100 3.94 9.31 23.69
N MET A 101 4.78 10.21 23.17
CA MET A 101 4.40 11.58 22.88
C MET A 101 5.18 12.06 21.63
N TRP A 102 4.61 13.00 20.88
CA TRP A 102 5.25 13.46 19.65
C TRP A 102 6.60 14.21 19.87
N GLU A 103 6.83 14.74 21.07
CA GLU A 103 8.08 15.45 21.43
C GLU A 103 9.32 14.54 21.44
N ASP A 104 9.11 13.23 21.51
CA ASP A 104 10.23 12.29 21.64
C ASP A 104 11.07 12.31 20.38
N GLU A 105 12.39 12.28 20.56
CA GLU A 105 13.35 12.24 19.47
C GLU A 105 12.92 11.32 18.36
N LYS A 106 12.43 10.13 18.75
CA LYS A 106 12.09 9.09 17.77
C LYS A 106 10.68 9.20 17.20
N ASN A 107 9.87 10.08 17.78
CA ASN A 107 8.53 10.39 17.26
C ASN A 107 8.40 11.69 16.48
N LYS A 108 9.27 12.66 16.76
CA LYS A 108 8.98 13.99 16.22
C LYS A 108 9.08 14.13 14.70
N ARG A 109 9.87 13.28 14.04
CA ARG A 109 9.89 13.23 12.55
C ARG A 109 8.95 12.15 12.00
N GLY A 110 8.15 11.52 12.86
CA GLY A 110 7.33 10.41 12.41
C GLY A 110 5.89 10.76 12.24
N GLY A 111 5.05 9.76 12.39
CA GLY A 111 3.64 9.91 12.17
C GLY A 111 3.00 8.58 12.53
N ARG A 112 1.76 8.40 12.13
CA ARG A 112 1.01 7.22 12.56
C ARG A 112 0.03 6.75 11.49
N TRP A 113 -0.19 5.44 11.41
CA TRP A 113 -1.31 4.88 10.65
C TRP A 113 -2.53 4.90 11.56
N LEU A 114 -3.62 5.54 11.13
CA LEU A 114 -4.79 5.73 12.00
C LEU A 114 -6.02 4.88 11.63
N ILE A 115 -6.61 4.20 12.62
CA ILE A 115 -7.85 3.44 12.48
C ILE A 115 -8.91 4.19 13.29
N THR A 116 -9.89 4.73 12.58
CA THR A 116 -10.99 5.43 13.19
C THR A 116 -12.16 4.44 13.37
N LEU A 117 -12.65 4.29 14.59
CA LEU A 117 -13.76 3.37 14.82
C LEU A 117 -15.04 4.20 15.02
N ASN A 118 -16.21 3.68 14.63
CA ASN A 118 -17.44 4.27 15.11
C ASN A 118 -17.89 3.61 16.40
N LYS A 119 -19.02 4.05 16.92
CA LYS A 119 -19.54 3.57 18.17
C LYS A 119 -19.96 2.08 18.16
N GLN A 120 -20.42 1.57 17.01
CA GLN A 120 -20.73 0.14 16.86
C GLN A 120 -19.47 -0.79 16.84
N GLN A 121 -18.32 -0.20 16.56
CA GLN A 121 -17.07 -0.94 16.47
C GLN A 121 -16.39 -1.08 17.84
N ARG A 122 -16.81 -0.25 18.80
CA ARG A 122 -16.35 -0.43 20.16
C ARG A 122 -16.76 -1.80 20.62
N ARG A 123 -17.99 -2.20 20.24
CA ARG A 123 -18.50 -3.53 20.54
C ARG A 123 -17.80 -4.62 19.75
N SER A 124 -17.74 -4.48 18.42
CA SER A 124 -17.33 -5.60 17.57
C SER A 124 -15.84 -5.70 17.32
N ASP A 125 -15.13 -4.56 17.35
CA ASP A 125 -13.79 -4.45 16.78
C ASP A 125 -12.69 -3.89 17.67
N LEU A 126 -13.00 -2.93 18.54
CA LEU A 126 -11.98 -2.26 19.37
C LEU A 126 -10.97 -3.22 20.02
N ASP A 127 -11.43 -4.12 20.89
CA ASP A 127 -10.53 -5.01 21.64
C ASP A 127 -9.81 -6.00 20.79
N ARG A 128 -10.49 -6.54 19.78
CA ARG A 128 -9.90 -7.39 18.76
C ARG A 128 -8.72 -6.67 18.09
N PHE A 129 -9.02 -5.50 17.52
CA PHE A 129 -8.05 -4.72 16.76
C PHE A 129 -6.86 -4.35 17.60
N TRP A 130 -7.11 -3.85 18.82
CA TRP A 130 -6.03 -3.49 19.77
C TRP A 130 -5.10 -4.68 20.10
N LEU A 131 -5.66 -5.87 20.42
CA LEU A 131 -4.82 -7.02 20.71
C LEU A 131 -3.98 -7.43 19.50
N GLU A 132 -4.60 -7.43 18.31
CA GLU A 132 -3.86 -7.67 17.05
C GLU A 132 -2.71 -6.69 16.91
N THR A 133 -2.97 -5.42 17.16
CA THR A 133 -1.94 -4.37 17.16
C THR A 133 -0.73 -4.63 18.08
N LEU A 134 -1.00 -4.94 19.35
CA LEU A 134 0.01 -5.39 20.35
C LEU A 134 0.86 -6.60 19.88
N LEU A 135 0.18 -7.55 19.21
CA LEU A 135 0.85 -8.76 18.69
C LEU A 135 1.73 -8.42 17.52
N CYS A 136 1.31 -7.47 16.70
CA CYS A 136 2.14 -6.98 15.60
C CYS A 136 3.39 -6.31 16.10
N LEU A 137 3.28 -5.63 17.25
CA LEU A 137 4.44 -4.97 17.85
C LEU A 137 5.37 -5.98 18.50
N ILE A 138 4.88 -6.70 19.51
CA ILE A 138 5.74 -7.61 20.27
C ILE A 138 6.39 -8.71 19.38
N GLY A 139 5.61 -9.25 18.43
CA GLY A 139 6.10 -10.25 17.46
C GLY A 139 6.96 -9.77 16.29
N GLU A 140 7.16 -8.45 16.17
CA GLU A 140 7.97 -7.86 15.12
C GLU A 140 7.41 -8.27 13.73
N SER A 141 6.14 -7.93 13.50
CA SER A 141 5.46 -8.48 12.33
C SER A 141 5.75 -7.79 11.01
N PHE A 142 6.60 -6.74 11.01
CA PHE A 142 6.78 -5.93 9.78
C PHE A 142 8.17 -6.11 9.10
N ASP A 143 8.72 -7.32 9.24
CA ASP A 143 10.04 -7.70 8.70
C ASP A 143 11.13 -6.71 9.16
N ASP A 144 11.88 -6.21 8.19
CA ASP A 144 13.00 -5.30 8.43
C ASP A 144 12.50 -3.94 8.91
N TYR A 145 11.24 -3.61 8.57
CA TYR A 145 10.68 -2.34 8.97
C TYR A 145 10.02 -2.31 10.35
N SER A 146 10.12 -3.41 11.10
CA SER A 146 9.70 -3.38 12.49
C SER A 146 10.59 -2.40 13.31
N ASP A 147 11.82 -2.18 12.87
CA ASP A 147 12.66 -1.15 13.46
C ASP A 147 12.12 0.26 13.31
N ASP A 148 11.26 0.50 12.33
CA ASP A 148 10.67 1.84 12.16
C ASP A 148 9.48 2.09 13.08
N VAL A 149 8.96 1.01 13.70
CA VAL A 149 7.84 1.11 14.64
C VAL A 149 8.31 1.70 15.97
N CYS A 150 7.57 2.69 16.47
CA CYS A 150 7.86 3.29 17.77
C CYS A 150 6.96 2.75 18.87
N GLY A 151 5.70 2.53 18.49
CA GLY A 151 4.67 2.13 19.41
C GLY A 151 3.30 2.22 18.83
N ALA A 152 2.28 2.10 19.68
CA ALA A 152 0.88 2.09 19.24
C ALA A 152 0.04 2.70 20.35
N VAL A 153 -1.09 3.33 20.00
CA VAL A 153 -2.01 3.87 21.01
C VAL A 153 -3.50 3.67 20.66
N VAL A 154 -4.27 3.32 21.70
CA VAL A 154 -5.72 3.24 21.64
C VAL A 154 -6.33 4.42 22.44
N ASN A 155 -7.07 5.25 21.75
CA ASN A 155 -7.83 6.34 22.36
C ASN A 155 -9.28 5.85 22.54
N VAL A 156 -9.75 5.86 23.78
CA VAL A 156 -11.15 5.57 24.04
C VAL A 156 -11.91 6.89 24.18
N ARG A 157 -12.85 7.15 23.28
CA ARG A 157 -13.53 8.46 23.21
C ARG A 157 -15.02 8.29 22.91
N ALA A 158 -15.85 9.08 23.61
CA ALA A 158 -17.31 9.13 23.35
C ALA A 158 -17.68 9.30 21.87
N LYS A 159 -17.00 10.24 21.21
CA LYS A 159 -17.17 10.54 19.78
C LYS A 159 -16.82 9.39 18.81
N GLY A 160 -15.79 8.61 19.16
CA GLY A 160 -15.41 7.44 18.37
C GLY A 160 -13.98 7.08 18.70
N ASP A 161 -13.73 5.79 18.91
CA ASP A 161 -12.41 5.31 19.35
C ASP A 161 -11.41 5.36 18.21
N LYS A 162 -10.13 5.41 18.57
CA LYS A 162 -9.07 5.38 17.56
C LYS A 162 -7.97 4.37 18.04
N ILE A 163 -7.33 3.68 17.09
CA ILE A 163 -6.10 2.89 17.31
C ILE A 163 -5.09 3.36 16.27
N ALA A 164 -3.82 3.47 16.65
CA ALA A 164 -2.80 3.91 15.72
C ALA A 164 -1.51 3.20 15.98
N ILE A 165 -0.70 3.04 14.94
CA ILE A 165 0.73 2.61 15.06
C ILE A 165 1.63 3.78 14.65
N TRP A 166 2.58 4.13 15.51
CA TRP A 166 3.45 5.27 15.28
C TRP A 166 4.74 4.74 14.71
N THR A 167 5.31 5.46 13.74
CA THR A 167 6.56 5.04 13.11
C THR A 167 7.50 6.23 13.19
N THR A 168 8.77 6.00 12.95
CA THR A 168 9.80 6.94 13.40
C THR A 168 10.07 8.11 12.44
N GLU A 169 9.75 7.90 11.17
CA GLU A 169 10.13 8.80 10.09
C GLU A 169 9.08 8.78 8.97
N CYS A 170 8.28 9.85 8.90
CA CYS A 170 7.22 9.97 7.89
C CYS A 170 7.75 9.97 6.46
N GLU A 171 9.04 10.25 6.30
CA GLU A 171 9.70 10.27 4.99
C GLU A 171 10.18 8.91 4.46
N ASN A 172 10.27 7.89 5.33
CA ASN A 172 10.61 6.54 4.90
C ASN A 172 9.42 5.90 4.20
N ARG A 173 9.27 6.19 2.90
CA ARG A 173 8.09 5.75 2.16
C ARG A 173 7.93 4.22 2.11
N GLU A 174 9.03 3.52 1.94
CA GLU A 174 8.94 2.06 1.88
C GLU A 174 8.57 1.44 3.24
N ALA A 175 9.24 1.88 4.30
CA ALA A 175 8.94 1.48 5.68
C ALA A 175 7.48 1.75 6.06
N VAL A 176 7.03 2.98 5.94
CA VAL A 176 5.67 3.39 6.35
C VAL A 176 4.59 2.58 5.61
N THR A 177 4.84 2.42 4.34
CA THR A 177 3.94 1.87 3.36
C THR A 177 3.87 0.32 3.55
N HIS A 178 5.02 -0.28 3.86
CA HIS A 178 5.06 -1.71 4.21
C HIS A 178 4.35 -2.03 5.53
N ILE A 179 4.61 -1.22 6.56
CA ILE A 179 3.88 -1.33 7.82
C ILE A 179 2.34 -1.19 7.64
N GLY A 180 1.91 -0.26 6.80
CA GLY A 180 0.48 0.01 6.57
C GLY A 180 -0.24 -1.17 5.94
N ARG A 181 0.37 -1.69 4.88
CA ARG A 181 -0.08 -2.85 4.17
C ARG A 181 -0.23 -4.06 5.09
N VAL A 182 0.83 -4.39 5.82
CA VAL A 182 0.80 -5.59 6.66
C VAL A 182 -0.20 -5.39 7.81
N TYR A 183 -0.21 -4.20 8.42
CA TYR A 183 -1.19 -3.89 9.48
C TYR A 183 -2.65 -4.11 9.04
N LYS A 184 -3.00 -3.58 7.85
CA LYS A 184 -4.37 -3.67 7.34
C LYS A 184 -4.76 -5.10 7.11
N GLU A 185 -3.85 -5.89 6.52
CA GLU A 185 -3.90 -7.36 6.41
C GLU A 185 -4.14 -8.08 7.73
N ARG A 186 -3.38 -7.70 8.75
CA ARG A 186 -3.50 -8.31 10.08
C ARG A 186 -4.81 -8.01 10.79
N LEU A 187 -5.33 -6.81 10.57
CA LEU A 187 -6.62 -6.41 11.13
C LEU A 187 -7.82 -7.03 10.41
N GLY A 188 -7.59 -7.51 9.19
CA GLY A 188 -8.63 -8.13 8.38
C GLY A 188 -9.55 -7.13 7.74
N LEU A 189 -9.10 -5.88 7.57
CA LEU A 189 -9.95 -4.82 7.01
C LEU A 189 -10.21 -5.06 5.50
N PRO A 190 -11.48 -4.94 5.06
CA PRO A 190 -11.82 -5.14 3.66
C PRO A 190 -11.26 -3.98 2.79
N PRO A 191 -11.03 -4.23 1.46
CA PRO A 191 -10.47 -3.25 0.51
C PRO A 191 -11.26 -1.94 0.45
N LYS A 192 -12.53 -2.02 0.79
CA LYS A 192 -13.44 -0.88 0.88
C LYS A 192 -12.95 0.13 1.93
N ILE A 193 -12.59 -0.38 3.12
CA ILE A 193 -12.02 0.46 4.15
C ILE A 193 -10.64 0.94 3.70
N VAL A 194 -10.36 2.23 3.87
CA VAL A 194 -9.09 2.80 3.54
C VAL A 194 -8.64 3.49 4.81
N ILE A 195 -7.35 3.35 5.17
CA ILE A 195 -6.81 3.99 6.38
C ILE A 195 -5.73 4.98 6.01
N GLY A 196 -5.48 5.98 6.84
CA GLY A 196 -4.51 7.00 6.47
C GLY A 196 -3.33 7.11 7.42
N TYR A 197 -2.25 7.69 6.90
CA TYR A 197 -1.06 7.93 7.69
C TYR A 197 -0.84 9.43 7.70
N GLN A 198 -0.64 9.96 8.91
CA GLN A 198 -0.43 11.38 9.10
C GLN A 198 0.84 11.59 9.85
N SER A 199 1.63 12.55 9.39
CA SER A 199 2.82 12.96 10.07
C SER A 199 2.42 13.71 11.36
N HIS A 200 3.15 13.47 12.45
CA HIS A 200 2.90 14.13 13.75
C HIS A 200 3.10 15.66 13.69
N ALA A 201 3.99 16.11 12.80
CA ALA A 201 4.17 17.54 12.50
C ALA A 201 2.85 18.17 12.06
N ASP A 202 2.23 17.62 11.01
CA ASP A 202 0.89 18.02 10.61
C ASP A 202 -0.13 17.96 11.77
N THR A 203 -0.23 16.82 12.45
CA THR A 203 -1.15 16.68 13.59
C THR A 203 -0.94 17.72 14.73
N ALA A 204 0.31 17.98 15.10
CA ALA A 204 0.60 18.99 16.12
C ALA A 204 0.41 20.43 15.63
N THR A 205 -0.04 20.58 14.38
CA THR A 205 -0.22 21.90 13.73
C THR A 205 -1.70 22.15 13.41
N THR A 211 -6.53 16.96 9.25
CA THR A 211 -5.13 16.69 8.94
C THR A 211 -4.98 15.77 7.72
N LYS A 212 -4.03 16.12 6.85
CA LYS A 212 -3.86 15.46 5.56
C LYS A 212 -3.09 14.14 5.65
N ASN A 213 -3.39 13.24 4.72
CA ASN A 213 -2.76 11.94 4.67
C ASN A 213 -1.55 11.97 3.76
N ARG A 214 -0.38 11.63 4.29
CA ARG A 214 0.81 11.42 3.45
C ARG A 214 0.66 10.16 2.61
N PHE A 215 0.03 9.13 3.17
CA PHE A 215 -0.24 7.86 2.49
C PHE A 215 -1.57 7.32 2.94
N VAL A 216 -2.19 6.53 2.08
CA VAL A 216 -3.36 5.76 2.51
C VAL A 216 -3.19 4.33 2.08
N VAL A 217 -3.87 3.41 2.76
CA VAL A 217 -3.83 2.04 2.34
C VAL A 217 -5.17 1.34 2.62
N ARG B 1 17.21 -11.98 14.68
CA ARG B 1 16.02 -11.11 14.91
C ARG B 1 14.87 -11.98 15.36
N ILE B 2 14.29 -11.65 16.50
CA ILE B 2 13.27 -12.48 17.13
C ILE B 2 11.88 -12.09 16.65
N ILE B 3 11.20 -13.02 15.96
CA ILE B 3 9.88 -12.78 15.39
C ILE B 3 8.99 -13.87 15.95
N TYR B 4 7.74 -13.53 16.24
CA TYR B 4 6.74 -14.50 16.61
C TYR B 4 5.46 -14.37 15.77
N ASP B 5 4.99 -15.53 15.30
CA ASP B 5 3.67 -15.74 14.68
C ASP B 5 2.54 -15.31 15.63
N ARG B 6 1.44 -14.80 15.09
CA ARG B 6 0.21 -14.63 15.86
C ARG B 6 -0.17 -15.91 16.61
N LYS B 7 -0.15 -17.04 15.90
CA LYS B 7 -0.59 -18.34 16.40
C LYS B 7 0.21 -18.79 17.62
N PHE B 8 1.55 -18.75 17.52
CA PHE B 8 2.38 -18.98 18.69
C PHE B 8 2.04 -18.06 19.86
N LEU B 9 1.88 -16.77 19.60
CA LEU B 9 1.64 -15.82 20.70
C LEU B 9 0.29 -16.11 21.37
N MET B 10 -0.72 -16.39 20.57
CA MET B 10 -2.02 -16.74 21.13
C MET B 10 -1.95 -18.02 21.97
N GLU B 11 -1.17 -19.00 21.51
CA GLU B 11 -1.03 -20.27 22.24
C GLU B 11 -0.47 -20.05 23.66
N CYS B 12 0.39 -19.03 23.82
CA CYS B 12 0.98 -18.72 25.13
C CYS B 12 0.05 -18.01 26.13
N ARG B 13 -1.14 -17.57 25.72
CA ARG B 13 -1.88 -16.59 26.55
C ARG B 13 -2.31 -17.07 27.93
N ASN B 14 -2.51 -18.37 28.05
CA ASN B 14 -2.88 -18.94 29.34
C ASN B 14 -1.68 -19.59 30.03
N TYR C 34 26.97 11.90 -15.88
CA TYR C 34 25.60 11.52 -15.40
C TYR C 34 25.48 9.99 -15.38
N ILE C 35 24.95 9.45 -14.29
CA ILE C 35 24.81 8.01 -14.12
C ILE C 35 23.38 7.64 -14.33
N LYS C 36 23.17 6.51 -14.98
CA LYS C 36 21.80 6.01 -15.15
C LYS C 36 21.24 5.55 -13.80
N HIS C 37 19.92 5.66 -13.68
CA HIS C 37 19.21 5.26 -12.50
C HIS C 37 18.55 3.92 -12.76
N PRO C 38 18.87 2.90 -11.94
CA PRO C 38 18.29 1.55 -12.10
C PRO C 38 16.81 1.45 -11.77
N LEU C 39 16.12 0.58 -12.49
CA LEU C 39 14.72 0.27 -12.21
C LEU C 39 14.64 -0.97 -11.35
N GLN C 40 13.51 -1.10 -10.64
CA GLN C 40 13.24 -2.29 -9.83
C GLN C 40 13.13 -3.55 -10.68
N ASN C 41 12.41 -3.41 -11.78
CA ASN C 41 12.27 -4.49 -12.75
C ASN C 41 12.84 -4.11 -14.12
N ARG C 42 13.18 -5.16 -14.90
CA ARG C 42 13.53 -5.05 -16.31
C ARG C 42 12.23 -5.20 -17.06
N TRP C 43 12.02 -4.32 -18.03
CA TRP C 43 10.80 -4.28 -18.79
C TRP C 43 11.05 -4.56 -20.25
N ALA C 44 10.04 -5.10 -20.94
CA ALA C 44 10.12 -5.32 -22.39
C ALA C 44 8.96 -4.54 -23.03
N LEU C 45 9.21 -3.81 -24.11
CA LEU C 45 8.10 -3.17 -24.84
C LEU C 45 7.78 -3.98 -26.10
N TRP C 46 6.48 -4.18 -26.33
CA TRP C 46 5.95 -4.94 -27.47
C TRP C 46 5.10 -4.06 -28.35
N PHE C 47 5.09 -4.39 -29.64
CA PHE C 47 4.29 -3.71 -30.62
C PHE C 47 3.48 -4.74 -31.41
N PHE C 48 2.20 -4.42 -31.62
CA PHE C 48 1.31 -5.20 -32.46
C PHE C 48 0.96 -4.29 -33.62
N LYS C 49 1.28 -4.74 -34.82
CA LYS C 49 0.90 -3.98 -35.98
C LYS C 49 -0.27 -4.69 -36.68
N ASN C 50 -1.27 -3.91 -37.02
CA ASN C 50 -2.44 -4.43 -37.69
C ASN C 50 -2.03 -5.04 -39.03
N ASP C 51 -2.33 -6.32 -39.22
CA ASP C 51 -2.19 -7.03 -40.50
C ASP C 51 -2.92 -8.38 -40.45
N LYS C 52 -4.07 -8.46 -41.11
CA LYS C 52 -4.97 -9.63 -40.97
C LYS C 52 -4.58 -10.86 -41.81
N SER C 53 -3.50 -10.74 -42.59
CA SER C 53 -2.90 -11.90 -43.28
C SER C 53 -2.26 -12.89 -42.30
N LYS C 54 -1.85 -12.39 -41.12
CA LYS C 54 -1.25 -13.25 -40.07
C LYS C 54 -2.17 -13.42 -38.85
N THR C 55 -1.93 -14.47 -38.08
CA THR C 55 -2.62 -14.70 -36.79
C THR C 55 -2.22 -13.64 -35.72
N TRP C 56 -3.00 -13.57 -34.64
CA TRP C 56 -2.80 -12.61 -33.56
C TRP C 56 -1.42 -12.77 -32.91
N GLN C 57 -1.14 -13.98 -32.43
CA GLN C 57 0.20 -14.34 -31.91
C GLN C 57 1.37 -13.84 -32.73
N ALA C 58 1.26 -13.98 -34.05
CA ALA C 58 2.34 -13.64 -34.97
C ALA C 58 2.46 -12.16 -35.33
N ASN C 59 1.45 -11.34 -34.97
CA ASN C 59 1.53 -9.87 -35.22
C ASN C 59 2.22 -9.09 -34.07
N LEU C 60 2.60 -9.86 -33.05
CA LEU C 60 3.15 -9.35 -31.80
C LEU C 60 4.67 -9.45 -31.86
N ARG C 61 5.37 -8.32 -31.76
CA ARG C 61 6.83 -8.32 -31.82
C ARG C 61 7.41 -7.57 -30.64
N LEU C 62 8.51 -8.09 -30.11
CA LEU C 62 9.18 -7.49 -28.97
C LEU C 62 10.16 -6.46 -29.55
N ILE C 63 10.01 -5.19 -29.18
CA ILE C 63 10.90 -4.13 -29.62
C ILE C 63 12.21 -4.23 -28.87
N SER C 64 12.18 -4.06 -27.56
CA SER C 64 13.40 -3.81 -26.85
C SER C 64 13.14 -3.98 -25.35
N LYS C 65 14.20 -4.25 -24.60
CA LYS C 65 14.14 -4.35 -23.13
C LYS C 65 15.00 -3.27 -22.51
N PHE C 66 14.66 -2.84 -21.29
CA PHE C 66 15.44 -1.81 -20.56
C PHE C 66 15.29 -2.04 -19.07
N ASP C 67 16.26 -1.56 -18.28
CA ASP C 67 16.20 -1.67 -16.82
C ASP C 67 16.83 -0.45 -16.08
N THR C 68 16.86 0.71 -16.75
CA THR C 68 17.25 1.97 -16.12
C THR C 68 16.27 3.01 -16.63
N VAL C 69 16.09 4.11 -15.90
CA VAL C 69 15.14 5.18 -16.33
C VAL C 69 15.55 5.80 -17.70
N GLU C 70 16.86 6.03 -17.85
CA GLU C 70 17.41 6.61 -19.07
C GLU C 70 17.25 5.73 -20.30
N ASP C 71 17.33 4.41 -20.12
CA ASP C 71 17.11 3.51 -21.27
C ASP C 71 15.64 3.40 -21.67
N PHE C 72 14.75 3.56 -20.69
CA PHE C 72 13.33 3.76 -20.99
C PHE C 72 13.08 4.98 -21.89
N TRP C 73 13.61 6.13 -21.50
CA TRP C 73 13.47 7.36 -22.26
C TRP C 73 14.13 7.25 -23.61
N ALA C 74 15.33 6.64 -23.70
CA ALA C 74 16.00 6.40 -24.98
C ALA C 74 15.11 5.67 -25.98
N LEU C 75 14.32 4.72 -25.51
CA LEU C 75 13.38 4.03 -26.34
C LEU C 75 12.10 4.85 -26.63
N TYR C 76 11.47 5.41 -25.58
CA TYR C 76 10.24 6.17 -25.77
C TYR C 76 10.48 7.35 -26.71
N ASN C 77 11.60 8.06 -26.54
CA ASN C 77 12.00 9.16 -27.41
C ASN C 77 11.93 8.88 -28.93
N HIS C 78 12.25 7.67 -29.36
CA HIS C 78 12.32 7.39 -30.79
C HIS C 78 11.15 6.65 -31.41
N ILE C 79 10.28 6.02 -30.63
CA ILE C 79 9.14 5.34 -31.24
C ILE C 79 7.94 6.24 -31.47
N GLN C 80 7.07 5.77 -32.35
CA GLN C 80 5.90 6.47 -32.75
C GLN C 80 4.96 6.62 -31.58
N LEU C 81 4.34 7.79 -31.49
CA LEU C 81 3.38 8.12 -30.43
C LEU C 81 2.12 7.33 -30.67
N SER C 82 1.51 6.85 -29.59
CA SER C 82 0.30 6.09 -29.68
C SER C 82 -0.77 6.83 -30.52
N SER C 83 -0.84 8.16 -30.39
CA SER C 83 -1.86 8.95 -31.10
C SER C 83 -1.64 9.15 -32.61
N ASN C 84 -0.52 8.65 -33.13
CA ASN C 84 -0.24 8.68 -34.56
C ASN C 84 -0.45 7.31 -35.23
N LEU C 85 -0.64 6.27 -34.41
CA LEU C 85 -0.77 4.88 -34.89
C LEU C 85 -2.06 4.60 -35.62
N MET C 86 -2.01 3.69 -36.59
CA MET C 86 -3.24 3.28 -37.25
C MET C 86 -4.10 2.40 -36.35
N PRO C 87 -5.44 2.53 -36.47
CA PRO C 87 -6.35 1.65 -35.73
C PRO C 87 -5.97 0.19 -35.94
N GLY C 88 -5.96 -0.56 -34.85
CA GLY C 88 -5.56 -1.97 -34.85
C GLY C 88 -4.22 -2.23 -34.21
N CYS C 89 -3.41 -1.17 -34.03
CA CYS C 89 -2.08 -1.28 -33.35
C CYS C 89 -2.17 -1.20 -31.82
N ASP C 90 -1.23 -1.86 -31.14
CA ASP C 90 -1.12 -1.81 -29.67
C ASP C 90 0.32 -1.61 -29.32
N TYR C 91 0.56 -1.04 -28.15
CA TYR C 91 1.83 -1.15 -27.42
C TYR C 91 1.53 -1.87 -26.12
N SER C 92 2.48 -2.68 -25.65
CA SER C 92 2.36 -3.31 -24.33
C SER C 92 3.71 -3.21 -23.62
N LEU C 93 3.71 -2.89 -22.34
CA LEU C 93 4.96 -2.89 -21.60
C LEU C 93 4.79 -3.90 -20.48
N PHE C 94 5.63 -4.95 -20.45
CA PHE C 94 5.44 -6.08 -19.53
C PHE C 94 6.75 -6.43 -18.84
N LYS C 95 6.73 -6.84 -17.56
CA LYS C 95 7.94 -7.25 -16.88
C LYS C 95 8.63 -8.31 -17.73
N ASP C 96 9.96 -8.24 -17.82
CA ASP C 96 10.76 -9.24 -18.54
C ASP C 96 10.29 -10.68 -18.19
N GLY C 97 10.01 -11.51 -19.19
CA GLY C 97 9.55 -12.88 -18.93
C GLY C 97 8.04 -13.11 -18.99
N ILE C 98 7.26 -12.03 -19.02
CA ILE C 98 5.82 -12.13 -19.14
C ILE C 98 5.47 -11.66 -20.54
N GLU C 99 4.79 -12.51 -21.29
CA GLU C 99 4.33 -12.12 -22.61
C GLU C 99 3.00 -11.41 -22.46
N PRO C 100 2.75 -10.40 -23.32
CA PRO C 100 1.50 -9.60 -23.25
C PRO C 100 0.30 -10.37 -23.78
N MET C 101 0.02 -11.53 -23.22
CA MET C 101 -1.20 -12.26 -23.58
C MET C 101 -1.76 -12.94 -22.34
N TRP C 102 -3.10 -13.02 -22.30
CA TRP C 102 -3.86 -13.69 -21.23
C TRP C 102 -3.35 -15.09 -20.87
N GLU C 103 -2.92 -15.87 -21.86
CA GLU C 103 -2.51 -17.27 -21.63
C GLU C 103 -1.22 -17.43 -20.84
N ASP C 104 -0.41 -16.38 -20.74
CA ASP C 104 0.85 -16.44 -19.99
C ASP C 104 0.60 -16.87 -18.57
N GLU C 105 1.50 -17.70 -18.04
CA GLU C 105 1.39 -18.23 -16.68
C GLU C 105 1.10 -17.11 -15.65
N LYS C 106 1.75 -15.96 -15.83
CA LYS C 106 1.65 -14.85 -14.88
C LYS C 106 0.38 -14.01 -15.11
N ASN C 107 -0.25 -14.18 -16.29
CA ASN C 107 -1.50 -13.50 -16.63
C ASN C 107 -2.80 -14.28 -16.49
N LYS C 108 -2.72 -15.61 -16.65
CA LYS C 108 -3.92 -16.46 -16.81
C LYS C 108 -4.91 -16.39 -15.64
N ARG C 109 -4.40 -16.16 -14.43
CA ARG C 109 -5.28 -16.07 -13.26
C ARG C 109 -5.62 -14.63 -12.91
N GLY C 110 -5.27 -13.71 -13.82
CA GLY C 110 -5.27 -12.32 -13.51
C GLY C 110 -6.35 -11.57 -14.23
N GLY C 111 -6.14 -10.25 -14.36
CA GLY C 111 -7.08 -9.37 -15.02
C GLY C 111 -6.47 -8.01 -15.30
N ARG C 112 -7.34 -7.06 -15.64
CA ARG C 112 -6.92 -5.73 -16.07
C ARG C 112 -7.88 -4.64 -15.51
N TRP C 113 -7.30 -3.50 -15.15
CA TRP C 113 -8.04 -2.27 -14.98
C TRP C 113 -8.11 -1.58 -16.35
N LEU C 114 -9.30 -1.32 -16.84
CA LEU C 114 -9.47 -0.86 -18.19
C LEU C 114 -10.13 0.51 -18.20
N ILE C 115 -9.58 1.41 -19.01
CA ILE C 115 -10.22 2.68 -19.31
C ILE C 115 -10.39 2.80 -20.82
N THR C 116 -11.48 3.41 -21.26
CA THR C 116 -11.62 3.68 -22.69
C THR C 116 -11.69 5.17 -22.91
N LEU C 117 -10.94 5.65 -23.88
CA LEU C 117 -10.95 7.06 -24.21
C LEU C 117 -11.82 7.37 -25.43
N ASN C 118 -12.47 8.52 -25.39
CA ASN C 118 -13.01 9.14 -26.62
C ASN C 118 -11.89 9.47 -27.63
N LYS C 119 -12.18 9.35 -28.94
CA LYS C 119 -11.26 9.88 -29.95
C LYS C 119 -11.37 11.43 -29.90
N GLN C 120 -10.27 12.14 -30.16
CA GLN C 120 -10.20 13.60 -29.94
C GLN C 120 -9.69 14.39 -31.13
N GLN C 121 -10.23 15.60 -31.30
CA GLN C 121 -9.86 16.48 -32.39
C GLN C 121 -8.68 17.35 -32.04
N ARG C 122 -8.85 18.20 -31.04
CA ARG C 122 -7.91 19.27 -30.72
C ARG C 122 -6.99 18.94 -29.53
N ARG C 123 -7.27 17.83 -28.85
CA ARG C 123 -6.47 17.38 -27.70
C ARG C 123 -5.80 16.04 -27.99
N SER C 124 -4.67 15.80 -27.31
CA SER C 124 -3.92 14.52 -27.43
C SER C 124 -3.74 13.80 -26.07
N ASP C 125 -4.84 13.63 -25.32
CA ASP C 125 -4.80 12.97 -23.99
C ASP C 125 -4.44 11.48 -23.98
N LEU C 126 -4.49 10.84 -25.14
CA LEU C 126 -4.01 9.45 -25.27
C LEU C 126 -2.56 9.30 -24.82
N ASP C 127 -1.67 10.10 -25.44
CA ASP C 127 -0.23 10.03 -25.20
C ASP C 127 0.11 10.35 -23.77
N ARG C 128 -0.64 11.31 -23.23
CA ARG C 128 -0.53 11.70 -21.82
C ARG C 128 -0.88 10.56 -20.86
N PHE C 129 -2.00 9.90 -21.11
CA PHE C 129 -2.45 8.84 -20.25
C PHE C 129 -1.54 7.64 -20.36
N TRP C 130 -1.06 7.34 -21.59
CA TRP C 130 -0.16 6.20 -21.81
C TRP C 130 1.19 6.39 -21.12
N LEU C 131 1.76 7.59 -21.26
CA LEU C 131 3.03 7.89 -20.62
C LEU C 131 2.88 7.80 -19.11
N GLU C 132 1.85 8.43 -18.56
CA GLU C 132 1.54 8.33 -17.15
C GLU C 132 1.50 6.87 -16.66
N THR C 133 0.82 6.00 -17.41
CA THR C 133 0.74 4.59 -17.10
C THR C 133 2.14 3.92 -17.07
N LEU C 134 3.01 4.28 -18.01
CA LEU C 134 4.33 3.68 -18.11
C LEU C 134 5.17 4.05 -16.90
N LEU C 135 4.99 5.29 -16.46
CA LEU C 135 5.74 5.87 -15.31
C LEU C 135 5.33 5.22 -13.99
N CYS C 136 4.04 4.86 -13.91
CA CYS C 136 3.50 4.03 -12.81
C CYS C 136 4.06 2.61 -12.73
N LEU C 137 4.37 2.03 -13.88
CA LEU C 137 4.97 0.72 -13.89
C LEU C 137 6.43 0.85 -13.56
N ILE C 138 7.17 1.66 -14.31
CA ILE C 138 8.61 1.65 -14.17
C ILE C 138 9.03 2.23 -12.80
N GLY C 139 8.21 3.13 -12.25
CA GLY C 139 8.50 3.85 -11.00
C GLY C 139 8.01 3.10 -9.78
N GLU C 140 7.30 1.98 -10.01
CA GLU C 140 6.80 1.11 -8.93
C GLU C 140 5.86 1.90 -8.01
N SER C 141 4.81 2.47 -8.62
CA SER C 141 3.98 3.47 -7.96
C SER C 141 2.92 2.90 -7.03
N PHE C 142 2.79 1.57 -7.00
CA PHE C 142 1.77 0.85 -6.23
C PHE C 142 2.33 0.19 -4.97
N ASP C 143 3.48 0.69 -4.53
CA ASP C 143 4.20 0.18 -3.37
C ASP C 143 4.46 -1.33 -3.40
N ASP C 144 4.30 -2.05 -2.27
CA ASP C 144 4.45 -3.51 -2.29
C ASP C 144 3.58 -4.16 -3.39
N TYR C 145 2.41 -3.57 -3.63
CA TYR C 145 1.46 -4.12 -4.60
C TYR C 145 1.85 -4.00 -6.07
N SER C 146 2.89 -3.19 -6.32
CA SER C 146 3.63 -3.16 -7.59
C SER C 146 4.08 -4.54 -8.10
N ASP C 147 4.37 -5.47 -7.19
CA ASP C 147 4.67 -6.86 -7.54
C ASP C 147 3.55 -7.63 -8.23
N ASP C 148 2.31 -7.23 -7.97
CA ASP C 148 1.15 -7.83 -8.63
C ASP C 148 0.94 -7.36 -10.08
N VAL C 149 1.55 -6.23 -10.45
CA VAL C 149 1.50 -5.72 -11.82
C VAL C 149 2.31 -6.63 -12.78
N CYS C 150 1.69 -7.09 -13.85
CA CYS C 150 2.40 -7.75 -14.96
C CYS C 150 2.82 -6.76 -16.05
N GLY C 151 1.95 -5.78 -16.34
CA GLY C 151 2.21 -4.82 -17.39
C GLY C 151 1.02 -3.95 -17.72
N ALA C 152 1.11 -3.30 -18.88
CA ALA C 152 0.09 -2.34 -19.38
C ALA C 152 -0.01 -2.42 -20.92
N VAL C 153 -1.20 -2.18 -21.46
CA VAL C 153 -1.47 -2.28 -22.92
C VAL C 153 -2.29 -1.04 -23.32
N VAL C 154 -1.96 -0.47 -24.47
CA VAL C 154 -2.76 0.58 -25.09
C VAL C 154 -3.22 0.03 -26.43
N ASN C 155 -4.53 0.10 -26.68
CA ASN C 155 -5.10 -0.37 -27.93
C ASN C 155 -5.51 0.88 -28.66
N VAL C 156 -4.99 1.08 -29.87
CA VAL C 156 -5.54 2.12 -30.70
C VAL C 156 -6.57 1.53 -31.70
N ARG C 157 -7.78 2.10 -31.68
CA ARG C 157 -8.89 1.59 -32.46
C ARG C 157 -9.68 2.78 -32.99
N ALA C 158 -10.53 2.59 -33.98
CA ALA C 158 -11.17 3.71 -34.64
C ALA C 158 -12.31 4.35 -33.82
N LYS C 159 -12.96 3.53 -32.99
CA LYS C 159 -14.14 3.99 -32.26
C LYS C 159 -13.77 4.52 -30.85
N GLY C 160 -12.55 4.22 -30.43
CA GLY C 160 -12.03 4.68 -29.15
C GLY C 160 -10.62 4.17 -29.05
N ASP C 161 -9.96 4.40 -27.93
CA ASP C 161 -8.63 3.88 -27.66
C ASP C 161 -8.76 3.38 -26.24
N LYS C 162 -8.03 2.35 -25.88
CA LYS C 162 -8.14 1.77 -24.53
C LYS C 162 -6.76 1.69 -23.89
N ILE C 163 -6.72 1.93 -22.58
CA ILE C 163 -5.57 1.66 -21.76
C ILE C 163 -5.96 0.72 -20.60
N ALA C 164 -5.06 -0.22 -20.30
CA ALA C 164 -5.28 -1.19 -19.24
C ALA C 164 -4.01 -1.50 -18.47
N ILE C 165 -4.15 -1.68 -17.16
CA ILE C 165 -3.07 -2.27 -16.34
C ILE C 165 -3.46 -3.72 -16.00
N TRP C 166 -2.56 -4.64 -16.37
CA TRP C 166 -2.69 -6.07 -16.11
C TRP C 166 -2.04 -6.45 -14.78
N THR C 167 -2.77 -7.28 -14.00
CA THR C 167 -2.33 -7.75 -12.70
C THR C 167 -2.46 -9.27 -12.66
N THR C 168 -1.69 -9.87 -11.75
CA THR C 168 -1.42 -11.30 -11.82
C THR C 168 -2.47 -12.28 -11.23
N GLU C 169 -3.27 -11.80 -10.27
CA GLU C 169 -4.22 -12.62 -9.52
C GLU C 169 -5.52 -11.83 -9.23
N CYS C 170 -6.60 -12.16 -9.94
CA CYS C 170 -7.86 -11.44 -9.79
C CYS C 170 -8.48 -11.62 -8.39
N GLU C 171 -7.96 -12.57 -7.61
CA GLU C 171 -8.44 -12.90 -6.25
C GLU C 171 -7.66 -12.19 -5.13
N ASN C 172 -6.58 -11.49 -5.51
CA ASN C 172 -5.84 -10.62 -4.59
C ASN C 172 -6.60 -9.30 -4.54
N ARG C 173 -7.75 -9.33 -3.84
CA ARG C 173 -8.70 -8.21 -3.75
C ARG C 173 -8.03 -6.92 -3.32
N GLU C 174 -7.18 -7.02 -2.32
CA GLU C 174 -6.43 -5.92 -1.75
C GLU C 174 -5.49 -5.20 -2.72
N ALA C 175 -4.61 -5.98 -3.36
CA ALA C 175 -3.66 -5.48 -4.32
C ALA C 175 -4.39 -4.85 -5.49
N VAL C 176 -5.34 -5.58 -6.08
CA VAL C 176 -6.12 -5.11 -7.23
C VAL C 176 -6.76 -3.77 -6.94
N THR C 177 -7.44 -3.67 -5.78
CA THR C 177 -8.15 -2.46 -5.39
C THR C 177 -7.15 -1.32 -5.20
N HIS C 178 -6.02 -1.60 -4.55
CA HIS C 178 -4.99 -0.58 -4.31
C HIS C 178 -4.47 0.01 -5.63
N ILE C 179 -4.08 -0.89 -6.56
CA ILE C 179 -3.57 -0.51 -7.90
C ILE C 179 -4.57 0.43 -8.62
N GLY C 180 -5.82 -0.02 -8.78
CA GLY C 180 -6.93 0.78 -9.28
C GLY C 180 -7.11 2.20 -8.75
N ARG C 181 -7.12 2.33 -7.42
CA ARG C 181 -7.28 3.63 -6.75
C ARG C 181 -6.09 4.57 -6.99
N VAL C 182 -4.88 4.03 -6.89
CA VAL C 182 -3.67 4.81 -7.17
C VAL C 182 -3.62 5.26 -8.63
N TYR C 183 -3.95 4.33 -9.54
CA TYR C 183 -3.96 4.61 -10.97
C TYR C 183 -4.95 5.72 -11.30
N LYS C 184 -6.18 5.54 -10.86
CA LYS C 184 -7.24 6.53 -11.06
C LYS C 184 -6.76 7.93 -10.66
N GLU C 185 -6.10 7.98 -9.50
CA GLU C 185 -5.62 9.20 -8.92
C GLU C 185 -4.42 9.78 -9.67
N ARG C 186 -3.49 8.91 -10.10
CA ARG C 186 -2.33 9.35 -10.92
C ARG C 186 -2.75 9.92 -12.28
N LEU C 187 -3.80 9.37 -12.87
CA LEU C 187 -4.38 9.92 -14.11
C LEU C 187 -5.19 11.20 -13.89
N GLY C 188 -5.45 11.53 -12.63
CA GLY C 188 -6.21 12.73 -12.30
C GLY C 188 -7.69 12.65 -12.65
N LEU C 189 -8.26 11.44 -12.59
CA LEU C 189 -9.67 11.22 -12.97
C LEU C 189 -10.65 11.64 -11.87
N PRO C 190 -11.82 12.20 -12.26
CA PRO C 190 -12.86 12.66 -11.34
C PRO C 190 -13.32 11.50 -10.48
N PRO C 191 -13.26 11.68 -9.14
CA PRO C 191 -13.64 10.71 -8.11
C PRO C 191 -14.87 9.87 -8.46
N LYS C 192 -15.82 10.47 -9.16
CA LYS C 192 -17.09 9.83 -9.43
C LYS C 192 -17.09 8.91 -10.67
N ILE C 193 -15.94 8.74 -11.33
CA ILE C 193 -15.92 8.20 -12.73
C ILE C 193 -16.30 6.72 -12.99
N VAL C 194 -16.07 5.80 -12.05
CA VAL C 194 -16.35 4.35 -12.25
C VAL C 194 -15.46 3.69 -13.35
N ILE C 195 -14.30 3.19 -12.93
CA ILE C 195 -13.48 2.31 -13.77
C ILE C 195 -13.58 0.89 -13.23
N GLY C 196 -13.46 -0.10 -14.10
CA GLY C 196 -13.70 -1.47 -13.69
C GLY C 196 -12.54 -2.39 -13.95
N TYR C 197 -12.48 -3.44 -13.16
CA TYR C 197 -11.50 -4.50 -13.34
C TYR C 197 -12.23 -5.78 -13.74
N GLN C 198 -11.71 -6.42 -14.76
CA GLN C 198 -12.29 -7.64 -15.27
C GLN C 198 -11.19 -8.68 -15.33
N SER C 199 -11.52 -9.90 -14.89
CA SER C 199 -10.61 -11.02 -14.99
C SER C 199 -10.51 -11.38 -16.46
N HIS C 200 -9.33 -11.83 -16.88
CA HIS C 200 -9.12 -12.27 -18.24
C HIS C 200 -10.01 -13.49 -18.55
N ALA C 201 -10.20 -14.36 -17.57
CA ALA C 201 -11.18 -15.44 -17.72
C ALA C 201 -12.64 -14.94 -17.97
N ASP C 202 -12.82 -13.63 -18.21
CA ASP C 202 -14.07 -13.08 -18.79
C ASP C 202 -14.50 -13.82 -20.06
N THR C 203 -13.49 -14.19 -20.87
CA THR C 203 -13.59 -15.06 -22.07
C THR C 203 -12.55 -14.66 -23.11
N SER C 209 -27.67 -8.30 -20.66
CA SER C 209 -26.35 -7.91 -21.07
C SER C 209 -25.40 -8.36 -19.99
N THR C 210 -24.73 -7.39 -19.38
CA THR C 210 -24.28 -7.38 -17.93
C THR C 210 -22.79 -7.26 -17.60
N THR C 211 -22.41 -6.06 -17.16
CA THR C 211 -21.01 -5.60 -17.12
C THR C 211 -19.92 -6.67 -16.83
N LYS C 212 -19.93 -7.25 -15.63
CA LYS C 212 -18.87 -8.19 -15.18
C LYS C 212 -17.54 -7.53 -14.71
N ASN C 213 -17.65 -6.29 -14.22
CA ASN C 213 -16.64 -5.70 -13.36
C ASN C 213 -16.62 -6.45 -12.04
N ARG C 214 -15.44 -6.93 -11.65
CA ARG C 214 -15.23 -7.63 -10.37
C ARG C 214 -15.01 -6.66 -9.23
N PHE C 215 -14.23 -5.62 -9.50
CA PHE C 215 -13.99 -4.53 -8.57
C PHE C 215 -14.33 -3.27 -9.33
N VAL C 216 -14.62 -2.19 -8.61
CA VAL C 216 -14.62 -0.86 -9.21
C VAL C 216 -13.91 0.07 -8.24
N VAL C 217 -13.42 1.22 -8.72
CA VAL C 217 -12.79 2.19 -7.82
C VAL C 217 -13.37 3.60 -8.01
N ARG D 1 12.91 -1.78 -2.17
CA ARG D 1 12.34 -1.49 -3.52
C ARG D 1 12.88 -0.17 -4.06
N ILE D 2 13.10 -0.13 -5.38
CA ILE D 2 13.51 1.11 -6.07
C ILE D 2 12.25 1.79 -6.58
N ILE D 3 11.91 2.93 -5.97
CA ILE D 3 10.66 3.65 -6.29
C ILE D 3 11.00 5.00 -6.90
N TYR D 4 10.27 5.43 -7.93
CA TYR D 4 10.50 6.79 -8.50
C TYR D 4 9.22 7.61 -8.67
N ASP D 5 9.25 8.89 -8.29
CA ASP D 5 8.20 9.90 -8.59
C ASP D 5 8.07 10.21 -10.07
N ARG D 6 6.90 10.71 -10.46
CA ARG D 6 6.66 11.25 -11.79
C ARG D 6 7.63 12.37 -12.12
N LYS D 7 7.80 13.32 -11.19
CA LYS D 7 8.68 14.49 -11.40
C LYS D 7 10.13 14.09 -11.62
N PHE D 8 10.62 13.16 -10.80
CA PHE D 8 11.99 12.64 -10.91
C PHE D 8 12.26 11.90 -12.23
N LEU D 9 11.32 11.04 -12.61
CA LEU D 9 11.37 10.33 -13.86
C LEU D 9 11.42 11.26 -15.06
N MET D 10 10.55 12.29 -15.07
CA MET D 10 10.57 13.35 -16.08
C MET D 10 11.91 14.08 -16.13
N GLU D 11 12.46 14.44 -14.95
CA GLU D 11 13.80 15.09 -14.89
C GLU D 11 14.92 14.23 -15.53
N CYS D 12 14.83 12.91 -15.44
CA CYS D 12 15.83 12.00 -16.05
C CYS D 12 15.79 12.00 -17.58
N ARG D 13 14.72 12.51 -18.16
CA ARG D 13 14.62 12.57 -19.62
C ARG D 13 15.64 13.58 -20.16
N ASN D 14 15.84 14.66 -19.41
CA ASN D 14 16.83 15.71 -19.73
C ASN D 14 18.29 15.30 -19.53
CAK MGV E . -2.10 12.69 19.57
CAI MGV E . -2.14 12.62 18.18
CAU MGV E . -0.97 12.34 17.49
FAH MGV E . -1.00 12.28 16.15
CAJ MGV E . 0.24 12.16 18.13
CAL MGV E . 0.30 12.25 19.50
CAV MGV E . -0.88 12.49 20.20
CAO MGV E . -0.80 12.56 21.67
N7 MGV E . -0.90 13.92 22.20
C8 MGV E . -2.06 14.50 22.49
C5 MGV E . 0.12 14.67 22.57
C6 MGV E . 1.52 14.55 22.50
O6 MGV E . 2.12 13.56 22.05
N1 MGV E . 2.27 15.62 22.98
C2 MGV E . 1.64 16.75 23.49
N2 MGV E . 2.41 17.74 23.94
N3 MGV E . 0.32 16.84 23.54
C4 MGV E . -0.45 15.83 23.08
N9 MGV E . -1.77 15.70 23.03
C1' MGV E . -2.75 16.76 23.49
O4' MGV E . -4.07 16.24 23.56
C2' MGV E . -2.79 17.88 22.44
O2' MGV E . -3.20 19.10 23.03
C3' MGV E . -3.88 17.36 21.51
O3' MGV E . -4.37 18.42 20.64
C4' MGV E . -4.90 16.90 22.54
C5' MGV E . -5.89 15.77 22.13
O5' MGV E . -5.20 14.69 21.51
P MGV E . -5.81 13.14 21.52
OP3 MGV E . -6.20 12.82 20.00
OP2 MGV E . -4.53 12.25 21.87
OP1 MGV E . -6.97 13.01 22.43
CAK MGV F . -8.03 -10.07 -24.93
CAI MGV F . -8.85 -10.35 -23.84
CAU MGV F . -8.29 -10.40 -22.56
FAH MGV F . -9.08 -10.65 -21.50
CAJ MGV F . -6.94 -10.16 -22.36
CAL MGV F . -6.13 -9.90 -23.45
CAV MGV F . -6.67 -9.85 -24.72
CAO MGV F . -5.76 -9.57 -25.89
N7 MGV F . -5.92 -10.64 -26.89
C8 MGV F . -6.64 -10.47 -27.98
C5 MGV F . -5.40 -11.88 -26.88
C6 MGV F . -4.58 -12.66 -26.02
O6 MGV F . -4.14 -12.24 -24.94
N1 MGV F . -4.26 -13.98 -26.42
C2 MGV F . -4.78 -14.50 -27.65
N2 MGV F . -4.49 -15.73 -28.07
N3 MGV F . -5.54 -13.74 -28.42
C4 MGV F . -5.86 -12.48 -28.07
N9 MGV F . -6.61 -11.58 -28.70
C1' MGV F . -7.27 -11.85 -30.02
O4' MGV F . -7.55 -10.65 -30.77
C2' MGV F . -8.59 -12.58 -29.89
O2' MGV F . -8.80 -13.33 -31.08
C3' MGV F . -9.56 -11.40 -29.79
O3' MGV F . -10.85 -11.81 -30.21
C4' MGV F . -8.99 -10.44 -30.81
C5' MGV F . -9.31 -8.97 -30.47
O5' MGV F . -8.78 -8.50 -29.23
P MGV F . -8.79 -6.88 -28.97
OP3 MGV F . -10.36 -6.53 -28.82
OP2 MGV F . -8.02 -6.62 -27.53
OP1 MGV F . -8.16 -6.15 -30.09
#